data_8B5P
#
_entry.id   8B5P
#
_cell.length_a   82.470
_cell.length_b   111.844
_cell.length_c   62.521
_cell.angle_alpha   90.000
_cell.angle_beta   90.000
_cell.angle_gamma   90.000
#
_symmetry.space_group_name_H-M   'C 2 2 21'
#
loop_
_entity.id
_entity.type
_entity.pdbx_description
1 polymer '14-3-3 protein sigma'
2 polymer 'Estrogen Related Receptor gamma phosphopeptide'
3 non-polymer 'MAGNESIUM ION'
4 non-polymer 'CHLORIDE ION'
5 non-polymer 3-bromanyl-5-methanoyl-~{N}-methyl-~{N}-(2-sulfanylethyl)benzamide
6 water water
#
loop_
_entity_poly.entity_id
_entity_poly.type
_entity_poly.pdbx_seq_one_letter_code
_entity_poly.pdbx_strand_id
1 'polypeptide(L)'
;GAMGSMERASLIQKAKLAEQAERYEDMAAFMKGAVEKGEELSNEERNLLSVAYKNVVGGQRAAWRVLSSIEQKSNEEGSE
EKGPEVREYREKVETELQGVCDTVLGLLDSHLIKEAGDAESRVFYLKMKGDYYRYLAEVATGDDKKRIIDSARSAYQEAM
DISKKEMPPTNPIRLGLALNFSVFHYEIANSPEEAISLAKTTFDEAMADLHTLSEDSYKDSTLIMQLLRDNLTLWT
;
A
2 'polypeptide(L)' KRRRK(SEP)CQA(NH2) B
#
loop_
_chem_comp.id
_chem_comp.type
_chem_comp.name
_chem_comp.formula
CL non-polymer 'CHLORIDE ION' 'Cl -1'
MG non-polymer 'MAGNESIUM ION' 'Mg 2'
NH2 non-polymer 'AMINO GROUP' 'H2 N'
OQ3 non-polymer 3-bromanyl-5-methanoyl-~{N}-methyl-~{N}-(2-sulfanylethyl)benzamide 'C11 H12 Br N O2 S'
#
# COMPACT_ATOMS: atom_id res chain seq x y z
N GLY A 1 19.50 9.03 11.09
CA GLY A 1 19.48 10.39 10.58
C GLY A 1 18.97 11.39 11.60
N ALA A 2 18.06 12.27 11.16
CA ALA A 2 17.61 13.38 11.98
C ALA A 2 16.83 12.94 13.21
N MET A 3 16.28 11.73 13.24
CA MET A 3 15.61 11.24 14.44
C MET A 3 16.49 10.42 15.37
N GLY A 4 17.78 10.31 15.06
CA GLY A 4 18.67 9.49 15.87
C GLY A 4 18.75 9.90 17.33
N SER A 5 18.55 11.18 17.63
N SER A 5 18.55 11.19 17.62
CA SER A 5 18.66 11.65 19.00
CA SER A 5 18.66 11.69 18.98
C SER A 5 17.36 11.57 19.79
C SER A 5 17.36 11.58 19.77
N MET A 6 16.24 11.20 19.17
CA MET A 6 14.96 11.15 19.86
C MET A 6 14.67 9.74 20.35
N GLU A 7 14.15 9.63 21.57
CA GLU A 7 13.76 8.33 22.12
C GLU A 7 12.72 7.64 21.25
N ARG A 8 12.81 6.31 21.18
CA ARG A 8 11.83 5.53 20.44
C ARG A 8 10.41 5.85 20.88
N ALA A 9 10.17 5.88 22.19
CA ALA A 9 8.80 6.10 22.67
C ALA A 9 8.32 7.51 22.31
N SER A 10 9.21 8.49 22.31
CA SER A 10 8.82 9.85 21.92
C SER A 10 8.49 9.92 20.43
N LEU A 11 9.23 9.18 19.59
CA LEU A 11 8.90 9.15 18.17
C LEU A 11 7.51 8.56 17.95
N ILE A 12 7.18 7.49 18.68
N ILE A 12 7.17 7.49 18.67
CA ILE A 12 5.85 6.88 18.55
CA ILE A 12 5.84 6.91 18.52
C ILE A 12 4.78 7.86 19.02
C ILE A 12 4.77 7.86 19.03
N GLN A 13 5.02 8.52 20.17
CA GLN A 13 4.06 9.49 20.68
C GLN A 13 3.83 10.61 19.68
N LYS A 14 4.92 11.13 19.09
CA LYS A 14 4.80 12.20 18.11
C LYS A 14 4.15 11.72 16.82
N ALA A 15 4.39 10.48 16.41
CA ALA A 15 3.66 9.94 15.25
C ALA A 15 2.17 9.96 15.50
N LYS A 16 1.73 9.63 16.72
CA LYS A 16 0.30 9.65 17.01
C LYS A 16 -0.23 11.07 17.01
N LEU A 17 0.54 12.03 17.52
CA LEU A 17 0.14 13.43 17.47
C LEU A 17 0.05 13.92 16.03
N ALA A 18 1.06 13.58 15.22
CA ALA A 18 1.06 13.98 13.82
C ALA A 18 -0.17 13.42 13.10
N GLU A 19 -0.55 12.17 13.40
CA GLU A 19 -1.77 11.61 12.82
C GLU A 19 -2.99 12.44 13.18
N GLN A 20 -3.11 12.82 14.46
CA GLN A 20 -4.25 13.63 14.90
C GLN A 20 -4.30 14.97 14.18
N ALA A 21 -3.14 15.53 13.85
CA ALA A 21 -3.04 16.80 13.16
C ALA A 21 -3.03 16.65 11.65
N GLU A 22 -3.14 15.42 11.14
CA GLU A 22 -3.13 15.15 9.70
C GLU A 22 -1.84 15.61 9.04
N ARG A 23 -0.73 15.50 9.79
CA ARG A 23 0.59 15.87 9.33
C ARG A 23 1.32 14.58 8.96
N TYR A 24 0.95 14.03 7.81
CA TYR A 24 1.40 12.68 7.48
C TYR A 24 2.88 12.61 7.10
N GLU A 25 3.43 13.65 6.49
CA GLU A 25 4.87 13.66 6.25
C GLU A 25 5.64 13.58 7.56
N ASP A 26 5.27 14.38 8.55
CA ASP A 26 5.89 14.29 9.86
C ASP A 26 5.69 12.90 10.46
N MET A 27 4.48 12.38 10.38
CA MET A 27 4.17 11.08 10.93
C MET A 27 5.08 10.01 10.35
N ALA A 28 5.29 10.05 9.03
CA ALA A 28 6.16 9.08 8.38
C ALA A 28 7.61 9.26 8.82
N ALA A 29 8.07 10.51 8.95
CA ALA A 29 9.43 10.72 9.41
C ALA A 29 9.63 10.19 10.83
N PHE A 30 8.64 10.39 11.72
CA PHE A 30 8.75 9.88 13.07
C PHE A 30 8.78 8.35 13.06
N MET A 31 7.92 7.72 12.24
CA MET A 31 7.90 6.26 12.21
C MET A 31 9.15 5.68 11.57
N LYS A 32 9.71 6.34 10.56
CA LYS A 32 11.01 5.93 10.02
C LYS A 32 12.07 5.95 11.12
N GLY A 33 12.13 7.03 11.89
CA GLY A 33 13.05 7.07 13.01
C GLY A 33 12.82 5.94 13.99
N ALA A 34 11.56 5.63 14.28
CA ALA A 34 11.27 4.54 15.20
C ALA A 34 11.76 3.21 14.65
N VAL A 35 11.49 2.93 13.36
CA VAL A 35 11.97 1.69 12.75
C VAL A 35 13.48 1.61 12.86
N GLU A 36 14.17 2.72 12.60
CA GLU A 36 15.63 2.72 12.57
C GLU A 36 16.25 2.53 13.94
N LYS A 37 15.46 2.55 15.02
CA LYS A 37 15.98 2.17 16.33
C LYS A 37 16.39 0.70 16.36
N GLY A 38 15.86 -0.12 15.45
CA GLY A 38 16.29 -1.49 15.30
C GLY A 38 15.46 -2.52 16.04
N GLU A 39 14.49 -2.11 16.83
CA GLU A 39 13.62 -3.05 17.50
C GLU A 39 12.42 -3.37 16.62
N GLU A 40 11.87 -4.55 16.80
CA GLU A 40 10.66 -4.95 16.09
C GLU A 40 9.51 -4.02 16.46
N LEU A 41 8.50 -3.96 15.59
CA LEU A 41 7.34 -3.10 15.81
C LEU A 41 6.19 -3.93 16.34
N SER A 42 5.42 -3.34 17.25
CA SER A 42 4.18 -3.93 17.71
C SER A 42 3.08 -3.80 16.64
N ASN A 43 1.95 -4.46 16.89
CA ASN A 43 0.83 -4.34 15.97
C ASN A 43 0.42 -2.88 15.75
N GLU A 44 0.26 -2.13 16.84
CA GLU A 44 -0.12 -0.73 16.73
C GLU A 44 0.92 0.07 15.97
N GLU A 45 2.21 -0.20 16.22
CA GLU A 45 3.27 0.55 15.58
C GLU A 45 3.34 0.24 14.08
N ARG A 46 3.10 -1.03 13.70
CA ARG A 46 3.04 -1.36 12.27
C ARG A 46 1.92 -0.60 11.60
N ASN A 47 0.76 -0.50 12.28
CA ASN A 47 -0.34 0.28 11.75
C ASN A 47 0.04 1.74 11.55
N LEU A 48 0.74 2.33 12.52
CA LEU A 48 1.16 3.72 12.36
C LEU A 48 2.10 3.90 11.20
N LEU A 49 3.06 2.98 11.03
CA LEU A 49 3.99 3.06 9.90
C LEU A 49 3.24 3.04 8.59
N SER A 50 2.30 2.10 8.44
CA SER A 50 1.59 1.96 7.18
C SER A 50 0.67 3.14 6.92
N VAL A 51 -0.09 3.57 7.94
CA VAL A 51 -0.96 4.72 7.76
C VAL A 51 -0.16 5.93 7.29
N ALA A 52 0.99 6.18 7.93
CA ALA A 52 1.78 7.36 7.60
C ALA A 52 2.20 7.36 6.14
N TYR A 53 2.86 6.28 5.72
CA TYR A 53 3.39 6.24 4.37
C TYR A 53 2.28 6.10 3.32
N LYS A 54 1.18 5.41 3.64
CA LYS A 54 0.15 5.28 2.61
C LYS A 54 -0.55 6.61 2.37
N ASN A 55 -0.60 7.47 3.38
CA ASN A 55 -1.14 8.80 3.18
C ASN A 55 -0.17 9.71 2.43
N VAL A 56 1.12 9.64 2.75
CA VAL A 56 2.09 10.46 2.00
C VAL A 56 2.07 10.06 0.53
N VAL A 57 2.27 8.77 0.25
N VAL A 57 2.27 8.77 0.25
CA VAL A 57 2.32 8.35 -1.14
CA VAL A 57 2.32 8.35 -1.15
C VAL A 57 0.96 8.49 -1.82
C VAL A 57 0.96 8.49 -1.82
N GLY A 58 -0.13 8.31 -1.06
CA GLY A 58 -1.44 8.49 -1.65
C GLY A 58 -1.65 9.88 -2.19
N GLY A 59 -1.16 10.90 -1.47
CA GLY A 59 -1.24 12.26 -1.96
C GLY A 59 -0.35 12.47 -3.18
N GLN A 60 0.84 11.88 -3.18
CA GLN A 60 1.73 12.03 -4.33
C GLN A 60 1.12 11.36 -5.55
N ARG A 61 0.53 10.17 -5.37
CA ARG A 61 -0.08 9.44 -6.48
C ARG A 61 -1.24 10.21 -7.07
N ALA A 62 -2.09 10.79 -6.22
CA ALA A 62 -3.22 11.57 -6.73
C ALA A 62 -2.72 12.75 -7.54
N ALA A 63 -1.68 13.44 -7.06
CA ALA A 63 -1.11 14.56 -7.80
C ALA A 63 -0.52 14.09 -9.12
N TRP A 64 0.20 12.95 -9.09
CA TRP A 64 0.77 12.40 -10.31
C TRP A 64 -0.31 12.08 -11.34
N ARG A 65 -1.45 11.55 -10.89
CA ARG A 65 -2.52 11.23 -11.84
C ARG A 65 -3.10 12.50 -12.47
N VAL A 66 -3.26 13.57 -11.68
CA VAL A 66 -3.71 14.85 -12.24
C VAL A 66 -2.75 15.31 -13.33
N LEU A 67 -1.45 15.31 -13.01
CA LEU A 67 -0.46 15.83 -13.95
C LEU A 67 -0.32 14.92 -15.17
N SER A 68 -0.40 13.60 -14.97
N SER A 68 -0.40 13.60 -14.97
CA SER A 68 -0.33 12.67 -16.09
CA SER A 68 -0.32 12.68 -16.10
C SER A 68 -1.48 12.88 -17.06
C SER A 68 -1.48 12.89 -17.06
N SER A 69 -2.68 13.15 -16.54
CA SER A 69 -3.82 13.38 -17.41
C SER A 69 -3.65 14.66 -18.20
N ILE A 70 -3.11 15.72 -17.56
CA ILE A 70 -2.83 16.95 -18.27
C ILE A 70 -1.80 16.71 -19.38
N GLU A 71 -0.75 15.96 -19.06
CA GLU A 71 0.29 15.67 -20.02
C GLU A 71 -0.26 14.87 -21.20
N GLN A 72 -1.10 13.88 -20.92
CA GLN A 72 -1.66 13.06 -21.99
C GLN A 72 -2.52 13.90 -22.92
N LYS A 73 -3.31 14.81 -22.37
CA LYS A 73 -4.09 15.72 -23.21
C LYS A 73 -3.17 16.61 -24.06
N SER A 74 -2.03 17.01 -23.51
CA SER A 74 -1.11 17.87 -24.25
C SER A 74 -0.49 17.16 -25.44
N ASN A 75 -0.51 15.83 -25.45
CA ASN A 75 0.05 15.04 -26.54
C ASN A 75 -1.01 14.58 -27.53
N GLU A 76 -2.26 15.02 -27.35
CA GLU A 76 -3.31 14.70 -28.31
C GLU A 76 -3.17 15.59 -29.54
N GLU A 77 -3.60 15.06 -30.68
CA GLU A 77 -3.56 15.84 -31.92
C GLU A 77 -4.41 17.10 -31.78
N GLY A 78 -3.87 18.21 -32.27
CA GLY A 78 -4.55 19.49 -32.16
C GLY A 78 -4.24 20.27 -30.90
N SER A 79 -3.51 19.67 -29.96
CA SER A 79 -3.15 20.36 -28.73
C SER A 79 -1.96 21.28 -28.97
N GLU A 80 -2.04 22.50 -28.48
CA GLU A 80 -0.97 23.47 -28.65
C GLU A 80 0.28 23.01 -27.91
N GLU A 81 1.43 23.35 -28.48
CA GLU A 81 2.71 23.09 -27.81
C GLU A 81 2.89 24.14 -26.72
N LYS A 82 3.05 23.68 -25.47
CA LYS A 82 3.21 24.58 -24.34
C LYS A 82 4.57 24.48 -23.67
N GLY A 83 5.50 23.76 -24.28
CA GLY A 83 6.83 23.64 -23.75
C GLY A 83 6.99 22.44 -22.83
N PRO A 84 8.15 22.33 -22.19
CA PRO A 84 8.47 21.14 -21.40
C PRO A 84 7.92 21.15 -19.97
N GLU A 85 7.18 22.17 -19.56
CA GLU A 85 6.85 22.35 -18.15
C GLU A 85 5.97 21.24 -17.60
N VAL A 86 4.96 20.80 -18.35
CA VAL A 86 4.06 19.77 -17.83
C VAL A 86 4.82 18.49 -17.56
N ARG A 87 5.62 18.06 -18.54
CA ARG A 87 6.46 16.87 -18.37
C ARG A 87 7.43 17.06 -17.21
N GLU A 88 8.08 18.21 -17.14
CA GLU A 88 9.05 18.46 -16.08
C GLU A 88 8.40 18.34 -14.72
N TYR A 89 7.23 18.95 -14.54
CA TYR A 89 6.59 18.93 -13.24
C TYR A 89 6.05 17.55 -12.90
N ARG A 90 5.50 16.83 -13.89
CA ARG A 90 5.09 15.45 -13.64
C ARG A 90 6.30 14.60 -13.23
N GLU A 91 7.44 14.80 -13.89
CA GLU A 91 8.66 14.09 -13.54
C GLU A 91 9.12 14.43 -12.13
N LYS A 92 8.97 15.70 -11.73
CA LYS A 92 9.37 16.08 -10.38
C LYS A 92 8.54 15.35 -9.34
N VAL A 93 7.22 15.36 -9.51
CA VAL A 93 6.34 14.65 -8.58
C VAL A 93 6.64 13.16 -8.62
N GLU A 94 6.85 12.61 -9.81
CA GLU A 94 7.14 11.19 -9.97
C GLU A 94 8.41 10.80 -9.23
N THR A 95 9.47 11.61 -9.34
CA THR A 95 10.73 11.31 -8.69
C THR A 95 10.58 11.35 -7.18
N GLU A 96 9.81 12.31 -6.67
N GLU A 96 9.78 12.29 -6.67
CA GLU A 96 9.51 12.39 -5.25
CA GLU A 96 9.53 12.37 -5.23
C GLU A 96 8.78 11.14 -4.79
C GLU A 96 8.75 11.15 -4.75
N LEU A 97 7.75 10.73 -5.53
CA LEU A 97 6.99 9.53 -5.20
C LEU A 97 7.89 8.30 -5.18
N GLN A 98 8.73 8.15 -6.20
CA GLN A 98 9.64 7.02 -6.24
C GLN A 98 10.58 7.02 -5.05
N GLY A 99 11.03 8.20 -4.63
CA GLY A 99 11.90 8.29 -3.47
C GLY A 99 11.23 7.80 -2.21
N VAL A 100 9.95 8.12 -2.03
CA VAL A 100 9.26 7.65 -0.84
C VAL A 100 9.07 6.15 -0.91
N CYS A 101 8.68 5.61 -2.07
CA CYS A 101 8.57 4.17 -2.20
C CYS A 101 9.89 3.48 -1.90
N ASP A 102 11.01 4.01 -2.41
CA ASP A 102 12.32 3.43 -2.14
C ASP A 102 12.64 3.48 -0.67
N THR A 103 12.25 4.56 0.00
CA THR A 103 12.46 4.65 1.45
C THR A 103 11.71 3.56 2.20
N VAL A 104 10.43 3.37 1.87
CA VAL A 104 9.65 2.33 2.53
C VAL A 104 10.24 0.95 2.25
N LEU A 105 10.54 0.67 0.98
CA LEU A 105 11.12 -0.61 0.63
C LEU A 105 12.44 -0.82 1.36
N GLY A 106 13.21 0.25 1.55
CA GLY A 106 14.45 0.13 2.29
C GLY A 106 14.25 -0.21 3.76
N LEU A 107 13.21 0.35 4.39
CA LEU A 107 12.93 -0.02 5.77
C LEU A 107 12.51 -1.47 5.86
N LEU A 108 11.70 -1.93 4.89
CA LEU A 108 11.28 -3.32 4.90
C LEU A 108 12.46 -4.25 4.74
N ASP A 109 13.43 -3.87 3.87
CA ASP A 109 14.60 -4.71 3.65
C ASP A 109 15.66 -4.60 4.73
N SER A 110 15.65 -3.54 5.51
CA SER A 110 16.71 -3.29 6.47
C SER A 110 16.05 -2.73 7.73
N HIS A 111 15.48 -3.60 8.55
CA HIS A 111 15.48 -5.07 8.50
C HIS A 111 14.14 -5.65 8.97
N LEU A 112 13.05 -4.96 8.64
CA LEU A 112 11.75 -5.35 9.21
C LEU A 112 11.36 -6.77 8.80
N ILE A 113 11.46 -7.10 7.51
CA ILE A 113 10.97 -8.39 7.05
C ILE A 113 11.79 -9.53 7.66
N LYS A 114 13.11 -9.43 7.63
CA LYS A 114 13.92 -10.56 8.08
C LYS A 114 13.72 -10.87 9.56
N GLU A 115 13.33 -9.88 10.37
CA GLU A 115 13.10 -10.11 11.79
C GLU A 115 11.66 -10.51 12.13
N ALA A 116 10.75 -10.45 11.16
CA ALA A 116 9.33 -10.71 11.39
C ALA A 116 9.06 -12.21 11.27
N GLY A 117 8.79 -12.86 12.40
CA GLY A 117 8.56 -14.29 12.40
C GLY A 117 7.10 -14.68 12.59
N ASP A 118 6.32 -13.86 13.26
CA ASP A 118 4.91 -14.17 13.42
C ASP A 118 4.16 -13.88 12.14
N ALA A 119 3.15 -14.71 11.86
CA ALA A 119 2.43 -14.61 10.59
C ALA A 119 1.88 -13.21 10.38
N GLU A 120 1.27 -12.63 11.41
CA GLU A 120 0.66 -11.31 11.27
C GLU A 120 1.67 -10.28 10.82
N SER A 121 2.83 -10.22 11.48
CA SER A 121 3.82 -9.20 11.13
C SER A 121 4.42 -9.47 9.76
N ARG A 122 4.75 -10.73 9.46
CA ARG A 122 5.38 -11.05 8.19
C ARG A 122 4.46 -10.76 7.01
N VAL A 123 3.20 -11.19 7.11
CA VAL A 123 2.21 -10.90 6.07
C VAL A 123 2.04 -9.40 5.89
N PHE A 124 1.96 -8.66 7.00
CA PHE A 124 1.80 -7.20 6.94
C PHE A 124 2.94 -6.55 6.17
N TYR A 125 4.18 -6.93 6.47
CA TYR A 125 5.32 -6.31 5.82
C TYR A 125 5.42 -6.73 4.36
N LEU A 126 5.09 -7.99 4.04
CA LEU A 126 5.13 -8.44 2.65
C LEU A 126 4.03 -7.78 1.83
N LYS A 127 2.85 -7.58 2.43
CA LYS A 127 1.82 -6.77 1.79
C LYS A 127 2.35 -5.39 1.46
N MET A 128 3.00 -4.74 2.43
CA MET A 128 3.56 -3.42 2.19
C MET A 128 4.58 -3.45 1.05
N LYS A 129 5.44 -4.47 1.05
CA LYS A 129 6.42 -4.57 -0.03
C LYS A 129 5.73 -4.67 -1.39
N GLY A 130 4.67 -5.48 -1.49
CA GLY A 130 3.92 -5.55 -2.73
C GLY A 130 3.30 -4.21 -3.10
N ASP A 131 2.72 -3.52 -2.11
CA ASP A 131 2.08 -2.23 -2.37
C ASP A 131 3.07 -1.20 -2.91
N TYR A 132 4.25 -1.08 -2.30
CA TYR A 132 5.18 -0.02 -2.74
C TYR A 132 5.83 -0.35 -4.07
N TYR A 133 6.07 -1.63 -4.36
CA TYR A 133 6.40 -1.99 -5.73
C TYR A 133 5.25 -1.72 -6.69
N ARG A 134 4.00 -1.94 -6.25
CA ARG A 134 2.86 -1.62 -7.10
C ARG A 134 2.81 -0.13 -7.42
N TYR A 135 3.08 0.71 -6.42
CA TYR A 135 3.10 2.14 -6.68
C TYR A 135 4.22 2.53 -7.64
N LEU A 136 5.41 1.92 -7.48
CA LEU A 136 6.46 2.09 -8.49
C LEU A 136 5.98 1.64 -9.87
N ALA A 137 5.22 0.54 -9.93
CA ALA A 137 4.75 0.04 -11.22
C ALA A 137 3.76 0.98 -11.88
N GLU A 138 2.96 1.71 -11.09
CA GLU A 138 1.99 2.64 -11.63
C GLU A 138 2.64 3.72 -12.49
N VAL A 139 3.89 4.07 -12.20
CA VAL A 139 4.58 5.14 -12.92
C VAL A 139 5.70 4.63 -13.81
N ALA A 140 5.96 3.32 -13.79
CA ALA A 140 7.07 2.77 -14.55
C ALA A 140 6.72 2.70 -16.03
N THR A 141 7.67 3.10 -16.87
CA THR A 141 7.50 3.04 -18.32
C THR A 141 8.70 2.45 -19.04
N GLY A 142 9.74 2.05 -18.31
CA GLY A 142 10.99 1.66 -18.94
C GLY A 142 11.33 0.17 -18.90
N ASP A 143 12.63 -0.13 -18.96
CA ASP A 143 13.10 -1.48 -19.17
C ASP A 143 13.07 -2.35 -17.91
N ASP A 144 12.97 -1.75 -16.74
CA ASP A 144 12.82 -2.52 -15.50
C ASP A 144 11.37 -2.69 -15.09
N LYS A 145 10.42 -2.22 -15.90
CA LYS A 145 9.01 -2.27 -15.53
C LYS A 145 8.55 -3.69 -15.25
N LYS A 146 8.95 -4.64 -16.09
CA LYS A 146 8.54 -6.02 -15.85
C LYS A 146 9.12 -6.53 -14.55
N ARG A 147 10.35 -6.14 -14.21
CA ARG A 147 10.94 -6.61 -12.96
C ARG A 147 10.28 -5.94 -11.75
N ILE A 148 9.85 -4.69 -11.89
CA ILE A 148 9.13 -4.02 -10.80
C ILE A 148 7.80 -4.75 -10.56
N ILE A 149 7.09 -5.07 -11.64
CA ILE A 149 5.82 -5.78 -11.54
C ILE A 149 6.04 -7.16 -10.91
N ASP A 150 7.10 -7.85 -11.32
CA ASP A 150 7.34 -9.17 -10.73
C ASP A 150 7.73 -9.09 -9.27
N SER A 151 8.41 -8.01 -8.86
CA SER A 151 8.72 -7.83 -7.45
C SER A 151 7.45 -7.63 -6.63
N ALA A 152 6.49 -6.86 -7.15
CA ALA A 152 5.22 -6.71 -6.44
C ALA A 152 4.52 -8.06 -6.36
N ARG A 153 4.42 -8.76 -7.48
CA ARG A 153 3.74 -10.05 -7.53
C ARG A 153 4.36 -11.03 -6.54
N SER A 154 5.70 -11.10 -6.51
CA SER A 154 6.38 -12.07 -5.64
C SER A 154 6.13 -11.79 -4.16
N ALA A 155 6.14 -10.50 -3.78
CA ALA A 155 5.88 -10.15 -2.38
C ALA A 155 4.43 -10.47 -2.01
N TYR A 156 3.48 -10.09 -2.86
CA TYR A 156 2.09 -10.43 -2.61
C TYR A 156 1.88 -11.93 -2.52
N GLN A 157 2.52 -12.69 -3.42
CA GLN A 157 2.30 -14.13 -3.44
C GLN A 157 2.82 -14.78 -2.16
N GLU A 158 3.99 -14.36 -1.68
CA GLU A 158 4.47 -14.92 -0.42
C GLU A 158 3.55 -14.55 0.73
N ALA A 159 3.05 -13.32 0.76
CA ALA A 159 2.11 -12.90 1.80
C ALA A 159 0.83 -13.73 1.73
N MET A 160 0.33 -13.99 0.51
CA MET A 160 -0.88 -14.79 0.36
C MET A 160 -0.64 -16.21 0.86
N ASP A 161 0.51 -16.79 0.53
CA ASP A 161 0.77 -18.18 0.92
C ASP A 161 0.81 -18.30 2.43
N ILE A 162 1.48 -17.35 3.10
CA ILE A 162 1.55 -17.39 4.56
C ILE A 162 0.17 -17.16 5.16
N SER A 163 -0.55 -16.15 4.65
CA SER A 163 -1.85 -15.81 5.21
C SER A 163 -2.83 -16.96 5.09
N LYS A 164 -2.80 -17.70 3.98
CA LYS A 164 -3.71 -18.82 3.81
C LYS A 164 -3.39 -19.95 4.79
N LYS A 165 -2.11 -20.15 5.08
CA LYS A 165 -1.71 -21.22 6.00
C LYS A 165 -1.94 -20.86 7.45
N GLU A 166 -1.74 -19.59 7.83
CA GLU A 166 -1.57 -19.23 9.23
C GLU A 166 -2.65 -18.33 9.80
N MET A 167 -3.56 -17.83 8.98
CA MET A 167 -4.52 -16.84 9.46
C MET A 167 -5.92 -17.20 8.99
N PRO A 168 -6.94 -16.87 9.78
CA PRO A 168 -8.31 -17.17 9.36
C PRO A 168 -8.70 -16.28 8.19
N PRO A 169 -9.68 -16.73 7.39
CA PRO A 169 -10.06 -15.97 6.18
C PRO A 169 -10.72 -14.64 6.48
N THR A 170 -11.13 -14.39 7.72
CA THR A 170 -11.67 -13.11 8.12
C THR A 170 -10.62 -12.15 8.68
N ASN A 171 -9.37 -12.56 8.81
CA ASN A 171 -8.37 -11.68 9.40
C ASN A 171 -8.23 -10.39 8.58
N PRO A 172 -8.30 -9.21 9.21
CA PRO A 172 -8.25 -7.96 8.41
C PRO A 172 -6.99 -7.78 7.58
N ILE A 173 -5.83 -8.26 8.06
N ILE A 173 -5.83 -8.24 8.06
CA ILE A 173 -4.63 -8.14 7.25
CA ILE A 173 -4.62 -8.15 7.26
C ILE A 173 -4.72 -9.04 6.02
C ILE A 173 -4.73 -9.04 6.03
N ARG A 174 -5.16 -10.29 6.22
CA ARG A 174 -5.39 -11.17 5.08
C ARG A 174 -6.37 -10.55 4.08
N LEU A 175 -7.45 -9.94 4.59
CA LEU A 175 -8.45 -9.36 3.69
C LEU A 175 -7.91 -8.15 2.94
N GLY A 176 -7.19 -7.25 3.63
CA GLY A 176 -6.62 -6.10 2.96
C GLY A 176 -5.57 -6.48 1.94
N LEU A 177 -4.76 -7.50 2.26
CA LEU A 177 -3.79 -8.04 1.31
C LEU A 177 -4.50 -8.54 0.06
N ALA A 178 -5.56 -9.32 0.23
CA ALA A 178 -6.25 -9.89 -0.93
C ALA A 178 -6.89 -8.79 -1.76
N LEU A 179 -7.46 -7.78 -1.11
CA LEU A 179 -8.00 -6.62 -1.81
C LEU A 179 -6.92 -5.98 -2.69
N ASN A 180 -5.75 -5.73 -2.12
CA ASN A 180 -4.69 -5.05 -2.86
C ASN A 180 -4.09 -5.93 -3.95
N PHE A 181 -3.93 -7.23 -3.70
CA PHE A 181 -3.42 -8.12 -4.74
C PHE A 181 -4.41 -8.23 -5.88
N SER A 182 -5.71 -8.21 -5.56
CA SER A 182 -6.72 -8.19 -6.61
C SER A 182 -6.60 -6.91 -7.46
N VAL A 183 -6.40 -5.76 -6.83
CA VAL A 183 -6.18 -4.51 -7.59
C VAL A 183 -4.93 -4.62 -8.45
N PHE A 184 -3.84 -5.15 -7.88
CA PHE A 184 -2.65 -5.44 -8.68
C PHE A 184 -2.99 -6.24 -9.93
N HIS A 185 -3.73 -7.34 -9.78
CA HIS A 185 -4.07 -8.14 -10.95
C HIS A 185 -4.88 -7.32 -11.96
N TYR A 186 -5.83 -6.55 -11.48
CA TYR A 186 -6.74 -5.84 -12.38
C TYR A 186 -6.02 -4.78 -13.19
N GLU A 187 -5.23 -3.93 -12.54
CA GLU A 187 -4.76 -2.72 -13.20
C GLU A 187 -3.25 -2.66 -13.43
N ILE A 188 -2.48 -3.57 -12.84
CA ILE A 188 -1.04 -3.64 -13.09
C ILE A 188 -0.68 -4.81 -13.98
N ALA A 189 -1.19 -6.00 -13.68
CA ALA A 189 -0.85 -7.21 -14.40
C ALA A 189 -1.79 -7.50 -15.57
N ASN A 190 -2.75 -6.64 -15.87
CA ASN A 190 -3.65 -6.86 -17.00
C ASN A 190 -4.34 -8.21 -16.92
N SER A 191 -4.81 -8.56 -15.72
CA SER A 191 -5.45 -9.85 -15.45
C SER A 191 -6.76 -9.61 -14.73
N PRO A 192 -7.73 -8.97 -15.37
CA PRO A 192 -9.01 -8.71 -14.68
C PRO A 192 -9.71 -9.96 -14.21
N GLU A 193 -9.65 -11.07 -14.95
CA GLU A 193 -10.34 -12.27 -14.48
C GLU A 193 -9.72 -12.80 -13.20
N GLU A 194 -8.39 -12.77 -13.09
CA GLU A 194 -7.74 -13.16 -11.85
C GLU A 194 -8.15 -12.23 -10.71
N ALA A 195 -8.23 -10.92 -10.99
CA ALA A 195 -8.65 -9.96 -9.97
C ALA A 195 -10.04 -10.27 -9.46
N ILE A 196 -10.97 -10.55 -10.39
CA ILE A 196 -12.35 -10.83 -10.01
C ILE A 196 -12.44 -12.14 -9.24
N SER A 197 -11.73 -13.18 -9.73
N SER A 197 -11.74 -13.17 -9.72
CA SER A 197 -11.75 -14.47 -9.05
CA SER A 197 -11.76 -14.46 -9.04
C SER A 197 -11.23 -14.33 -7.63
C SER A 197 -11.22 -14.34 -7.63
N LEU A 198 -10.13 -13.59 -7.45
CA LEU A 198 -9.55 -13.47 -6.12
C LEU A 198 -10.50 -12.71 -5.20
N ALA A 199 -11.09 -11.62 -5.69
CA ALA A 199 -12.01 -10.86 -4.84
C ALA A 199 -13.21 -11.70 -4.43
N LYS A 200 -13.76 -12.48 -5.37
CA LYS A 200 -14.94 -13.30 -5.06
C LYS A 200 -14.61 -14.41 -4.08
N THR A 201 -13.53 -15.14 -4.34
N THR A 201 -13.52 -15.16 -4.32
CA THR A 201 -13.14 -16.23 -3.45
CA THR A 201 -13.19 -16.24 -3.39
C THR A 201 -12.82 -15.71 -2.05
C THR A 201 -12.85 -15.70 -2.01
N THR A 202 -12.13 -14.58 -1.96
CA THR A 202 -11.83 -13.98 -0.66
C THR A 202 -13.10 -13.58 0.07
N PHE A 203 -14.02 -12.91 -0.63
CA PHE A 203 -15.28 -12.51 -0.02
C PHE A 203 -16.04 -13.71 0.51
N ASP A 204 -16.16 -14.76 -0.31
CA ASP A 204 -16.99 -15.90 0.05
C ASP A 204 -16.39 -16.69 1.20
N GLU A 205 -15.07 -16.86 1.20
CA GLU A 205 -14.43 -17.55 2.33
C GLU A 205 -14.52 -16.75 3.62
N ALA A 206 -14.47 -15.42 3.54
CA ALA A 206 -14.67 -14.63 4.74
C ALA A 206 -16.10 -14.74 5.23
N MET A 207 -17.08 -14.63 4.32
CA MET A 207 -18.48 -14.78 4.69
C MET A 207 -18.73 -16.05 5.50
N ALA A 208 -18.14 -17.16 5.05
CA ALA A 208 -18.36 -18.45 5.68
C ALA A 208 -17.77 -18.54 7.08
N ASP A 209 -16.85 -17.65 7.42
CA ASP A 209 -16.15 -17.67 8.71
C ASP A 209 -16.67 -16.60 9.66
N LEU A 210 -17.57 -15.73 9.21
CA LEU A 210 -18.08 -14.67 10.10
C LEU A 210 -18.74 -15.22 11.36
N HIS A 211 -19.33 -16.42 11.27
CA HIS A 211 -20.07 -16.96 12.40
C HIS A 211 -19.18 -17.20 13.61
N THR A 212 -17.85 -17.25 13.43
CA THR A 212 -16.92 -17.54 14.50
C THR A 212 -16.54 -16.30 15.29
N LEU A 213 -16.94 -15.12 14.84
CA LEU A 213 -16.39 -13.85 15.31
C LEU A 213 -17.27 -13.17 16.34
N SER A 214 -16.63 -12.40 17.20
CA SER A 214 -17.33 -11.47 18.07
C SER A 214 -17.94 -10.33 17.24
N GLU A 215 -18.80 -9.55 17.88
CA GLU A 215 -19.41 -8.42 17.20
C GLU A 215 -18.36 -7.44 16.69
N ASP A 216 -17.33 -7.16 17.49
CA ASP A 216 -16.32 -6.19 17.07
C ASP A 216 -15.47 -6.72 15.92
N SER A 217 -15.07 -8.01 15.97
CA SER A 217 -14.32 -8.59 14.87
C SER A 217 -15.18 -8.67 13.61
N TYR A 218 -16.47 -8.99 13.77
CA TYR A 218 -17.39 -9.01 12.65
C TYR A 218 -17.41 -7.66 11.94
N LYS A 219 -17.49 -6.57 12.72
CA LYS A 219 -17.48 -5.23 12.13
C LYS A 219 -16.19 -4.98 11.35
N ASP A 220 -15.04 -5.37 11.91
CA ASP A 220 -13.77 -5.14 11.23
C ASP A 220 -13.70 -5.90 9.92
N SER A 221 -14.10 -7.17 9.94
CA SER A 221 -13.99 -7.99 8.72
C SER A 221 -14.99 -7.55 7.66
N THR A 222 -16.24 -7.27 8.05
CA THR A 222 -17.23 -6.89 7.05
C THR A 222 -16.90 -5.56 6.40
N LEU A 223 -16.20 -4.66 7.11
CA LEU A 223 -15.80 -3.40 6.50
C LEU A 223 -14.92 -3.64 5.28
N ILE A 224 -13.95 -4.55 5.40
CA ILE A 224 -13.06 -4.83 4.27
C ILE A 224 -13.78 -5.66 3.22
N MET A 225 -14.66 -6.57 3.65
CA MET A 225 -15.45 -7.30 2.67
C MET A 225 -16.24 -6.37 1.77
N GLN A 226 -16.73 -5.26 2.32
CA GLN A 226 -17.47 -4.30 1.51
C GLN A 226 -16.59 -3.67 0.45
N LEU A 227 -15.30 -3.46 0.73
CA LEU A 227 -14.39 -2.96 -0.29
C LEU A 227 -14.24 -3.97 -1.43
N LEU A 228 -14.11 -5.25 -1.09
CA LEU A 228 -14.07 -6.29 -2.12
C LEU A 228 -15.35 -6.26 -2.95
N ARG A 229 -16.51 -6.15 -2.29
CA ARG A 229 -17.78 -6.06 -2.99
C ARG A 229 -17.84 -4.83 -3.88
N ASP A 230 -17.36 -3.69 -3.38
CA ASP A 230 -17.34 -2.48 -4.21
C ASP A 230 -16.59 -2.73 -5.50
N ASN A 231 -15.44 -3.40 -5.42
CA ASN A 231 -14.68 -3.66 -6.63
C ASN A 231 -15.39 -4.65 -7.54
N LEU A 232 -15.97 -5.71 -6.97
CA LEU A 232 -16.70 -6.67 -7.79
C LEU A 232 -17.84 -5.98 -8.54
N THR A 233 -18.55 -5.06 -7.88
CA THR A 233 -19.64 -4.33 -8.53
C THR A 233 -19.12 -3.42 -9.64
N LEU A 234 -17.98 -2.77 -9.41
CA LEU A 234 -17.38 -1.92 -10.43
C LEU A 234 -16.89 -2.74 -11.63
N TRP A 235 -16.36 -3.93 -11.38
CA TRP A 235 -15.66 -4.71 -12.40
C TRP A 235 -16.56 -5.69 -13.15
N THR A 236 -17.78 -5.90 -12.69
CA THR A 236 -18.67 -6.86 -13.33
C THR A 236 -19.98 -6.21 -13.74
N ARG B 2 -16.10 6.32 -10.67
CA ARG B 2 -15.91 5.56 -9.43
C ARG B 2 -14.57 4.83 -9.44
N ARG B 3 -13.67 5.26 -8.56
CA ARG B 3 -12.34 4.66 -8.49
C ARG B 3 -12.38 3.41 -7.62
N ARG B 4 -11.73 2.34 -8.10
CA ARG B 4 -11.67 1.08 -7.36
C ARG B 4 -11.04 1.30 -5.98
N LYS B 5 -11.39 0.41 -5.06
CA LYS B 5 -10.89 0.49 -3.68
C LYS B 5 -9.61 -0.29 -3.51
N SEP B 6 -8.62 0.30 -2.84
CA SEP B 6 -7.55 -0.50 -2.25
CB SEP B 6 -6.15 -0.16 -2.81
OG SEP B 6 -5.85 1.21 -2.54
C SEP B 6 -7.63 -0.32 -0.74
O SEP B 6 -8.55 0.32 -0.23
P SEP B 6 -4.41 1.71 -3.02
O1P SEP B 6 -4.39 3.25 -2.62
O2P SEP B 6 -3.30 0.89 -2.25
O3P SEP B 6 -4.28 1.54 -4.56
N CYS B 7 -6.67 -0.89 -0.02
CA CYS B 7 -6.77 -0.93 1.42
C CYS B 7 -6.37 0.43 2.01
N GLN B 8 -7.39 1.24 2.27
CA GLN B 8 -7.29 2.60 2.76
C GLN B 8 -8.42 2.80 3.77
N ALA B 9 -8.28 3.84 4.59
CA ALA B 9 -9.31 4.20 5.58
C ALA B 9 -10.63 4.60 4.92
N NH2 B 10 -11.71 4.41 5.65
MG MG C . -3.04 -18.38 13.24
CL CL D . 9.54 21.17 -12.06
MG MG E . 11.15 -11.61 15.43
C4 OQ3 F . -7.45 -2.46 7.81
C5 OQ3 F . -5.99 -2.43 7.50
C6 OQ3 F . -5.17 -1.40 7.94
C11 OQ3 F . -5.41 -3.51 6.82
C7 OQ3 F . -3.81 -1.41 7.67
C8 OQ3 F . -3.26 -2.47 6.97
C9 OQ3 F . -4.06 -3.53 6.54
C10 OQ3 F . -3.47 -4.67 5.81
N1 OQ3 F . -8.29 -1.61 7.19
C3 OQ3 F . -8.58 -1.24 4.75
C1 OQ3 F . -9.67 -1.50 7.66
C2 OQ3 F . -7.92 -0.79 6.03
O1 OQ3 F . -7.86 -3.24 8.69
S1 OQ3 F . -7.91 -2.81 4.12
BR1 OQ3 F . -2.71 0.02 8.27
#